data_6QMJ
#
_entry.id   6QMJ
#
_cell.length_a   103.389
_cell.length_b   103.389
_cell.length_c   55.265
_cell.angle_alpha   90.00
_cell.angle_beta   90.00
_cell.angle_gamma   120.00
#
_symmetry.space_group_name_H-M   'P 61'
#
loop_
_entity.id
_entity.type
_entity.pdbx_description
1 polymer 'Kelch-like ECH-associated protein 1'
2 non-polymer 'SULFATE ION'
3 non-polymer 'CHLORIDE ION'
4 non-polymer '(3~{S})-3-(7-methoxy-1-methyl-benzotriazol-5-yl)-3-[4-methyl-3-[[methyl(phenylsulfonyl)amino]methyl]phenyl]propanoic acid'
5 water water
#
_entity_poly.entity_id   1
_entity_poly.type   'polypeptide(L)'
_entity_poly.pdbx_seq_one_letter_code
;MGSSHHHHHHSSGLVPRGPKVGRLIYTAGGYFRQSLSYLEAYNPSNGSWLRLADLQVPRSGLAGCVVGGLLYAVGGRNNS
PDGNTDSSALDCYNPMTNQWSPCASMSVPRNRIGVGVIDGHIYAVGGSHGCIHHSSVERYEPERDEWHLVAPMLTRRIGV
GVAVLNRLLYAVGGFDGTNRLNSAECYYPERNEWRMITPMNTIRSGAGVCVLHNCIYAAGGYDGQDQLNSVERYDVETET
WTFVAPMRHHRSALGITVHQGKIYVLGGYDGHTFLDSVECYDPDSDTWSEVTRMTSGRSGVGVAVTMEPCRKQIDQQNCT
C
;
_entity_poly.pdbx_strand_id   A
#
loop_
_chem_comp.id
_chem_comp.type
_chem_comp.name
_chem_comp.formula
CL non-polymer 'CHLORIDE ION' 'Cl -1'
J6K non-polymer '(3~{S})-3-(7-methoxy-1-methyl-benzotriazol-5-yl)-3-[4-methyl-3-[[methyl(phenylsulfonyl)amino]methyl]phenyl]propanoic acid' 'C26 H28 N4 O5 S'
SO4 non-polymer 'SULFATE ION' 'O4 S -2'
#
# COMPACT_ATOMS: atom_id res chain seq x y z
N GLY A 22 -14.15 11.96 14.13
CA GLY A 22 -14.05 10.71 13.32
C GLY A 22 -12.69 10.57 12.65
N ARG A 23 -12.32 9.34 12.32
CA ARG A 23 -11.16 9.10 11.49
C ARG A 23 -11.64 8.80 10.05
N LEU A 24 -10.82 9.17 9.07
CA LEU A 24 -11.19 9.00 7.67
C LEU A 24 -10.14 8.14 6.97
N ILE A 25 -10.59 7.49 5.90
CA ILE A 25 -9.76 6.75 5.01
C ILE A 25 -9.39 7.64 3.82
N TYR A 26 -8.11 7.99 3.72
CA TYR A 26 -7.59 8.86 2.65
C TYR A 26 -7.10 7.98 1.50
N THR A 27 -7.51 8.32 0.26
CA THR A 27 -6.97 7.71 -0.95
C THR A 27 -6.24 8.79 -1.76
N ALA A 28 -4.98 8.53 -2.10
CA ALA A 28 -4.12 9.50 -2.72
C ALA A 28 -3.64 8.91 -4.05
N GLY A 29 -3.72 9.74 -5.09
CA GLY A 29 -3.20 9.39 -6.41
C GLY A 29 -3.95 8.25 -7.06
N GLY A 30 -3.22 7.47 -7.84
CA GLY A 30 -3.80 6.35 -8.57
C GLY A 30 -3.67 6.52 -10.07
N TYR A 31 -4.38 5.66 -10.80
CA TYR A 31 -4.30 5.61 -12.25
C TYR A 31 -5.69 5.34 -12.86
N PHE A 32 -6.03 6.17 -13.84
CA PHE A 32 -7.08 5.93 -14.82
C PHE A 32 -6.73 6.74 -16.07
N ARG A 33 -6.34 6.05 -17.14
CA ARG A 33 -5.91 6.73 -18.41
C ARG A 33 -4.52 7.35 -18.24
N GLN A 34 -4.28 7.94 -17.07
CA GLN A 34 -2.97 8.44 -16.71
C GLN A 34 -2.89 8.52 -15.17
N SER A 35 -1.71 8.86 -14.66
CA SER A 35 -1.52 8.98 -13.21
C SER A 35 -2.36 10.16 -12.69
N LEU A 36 -2.88 10.03 -11.47
CA LEU A 36 -3.86 10.99 -10.92
C LEU A 36 -3.27 11.76 -9.73
N SER A 37 -3.79 12.94 -9.47
CA SER A 37 -3.34 13.79 -8.36
CA SER A 37 -3.34 13.78 -8.36
C SER A 37 -4.37 13.80 -7.21
N TYR A 38 -5.43 13.01 -7.33
CA TYR A 38 -6.56 13.15 -6.38
C TYR A 38 -6.14 12.84 -4.93
N LEU A 39 -6.67 13.63 -3.99
CA LEU A 39 -6.73 13.22 -2.60
C LEU A 39 -8.19 13.35 -2.14
N GLU A 40 -8.74 12.23 -1.72
CA GLU A 40 -10.11 12.21 -1.23
C GLU A 40 -10.18 11.35 0.02
N ALA A 41 -11.13 11.69 0.88
CA ALA A 41 -11.24 11.15 2.22
C ALA A 41 -12.66 10.64 2.40
N TYR A 42 -12.76 9.38 2.83
CA TYR A 42 -14.01 8.69 3.05
C TYR A 42 -14.25 8.54 4.56
N ASN A 43 -15.51 8.80 4.93
CA ASN A 43 -15.95 8.72 6.31
C ASN A 43 -16.90 7.51 6.43
N PRO A 44 -16.37 6.42 6.98
CA PRO A 44 -17.21 5.24 7.22
C PRO A 44 -18.42 5.52 8.12
N SER A 45 -18.35 6.54 8.98
CA SER A 45 -19.46 6.82 9.90
C SER A 45 -20.68 7.36 9.15
N ASN A 46 -20.52 8.00 7.99
CA ASN A 46 -21.70 8.62 7.33
C ASN A 46 -21.73 8.35 5.81
N GLY A 47 -20.75 7.65 5.24
CA GLY A 47 -20.72 7.31 3.80
C GLY A 47 -20.20 8.43 2.89
N SER A 48 -19.77 9.56 3.47
CA SER A 48 -19.40 10.77 2.69
C SER A 48 -17.95 10.71 2.18
N TRP A 49 -17.75 11.34 1.03
CA TRP A 49 -16.41 11.55 0.45
C TRP A 49 -16.12 13.06 0.45
N LEU A 50 -14.92 13.49 0.85
CA LEU A 50 -14.49 14.88 0.63
C LEU A 50 -13.35 14.88 -0.39
N ARG A 51 -13.38 15.81 -1.35
CA ARG A 51 -12.18 16.05 -2.17
C ARG A 51 -11.34 17.13 -1.48
N LEU A 52 -10.08 16.82 -1.29
CA LEU A 52 -9.12 17.67 -0.61
C LEU A 52 -8.04 18.08 -1.63
N ALA A 53 -6.98 18.73 -1.14
CA ALA A 53 -5.96 19.34 -2.00
C ALA A 53 -5.26 18.28 -2.85
N ASP A 54 -5.20 18.51 -4.16
CA ASP A 54 -4.42 17.62 -5.07
C ASP A 54 -2.96 17.46 -4.65
N LEU A 55 -2.40 16.28 -4.89
CA LEU A 55 -0.96 16.10 -4.90
C LEU A 55 -0.34 17.12 -5.85
N GLN A 56 0.87 17.60 -5.52
CA GLN A 56 1.57 18.56 -6.36
C GLN A 56 2.00 17.88 -7.67
N VAL A 57 2.25 16.57 -7.63
CA VAL A 57 2.64 15.78 -8.81
C VAL A 57 1.75 14.52 -8.86
N PRO A 58 1.08 14.27 -9.99
CA PRO A 58 0.30 13.05 -10.18
C PRO A 58 1.20 11.82 -10.00
N ARG A 59 0.67 10.77 -9.36
CA ARG A 59 1.41 9.53 -9.30
C ARG A 59 0.46 8.36 -9.05
N SER A 60 0.80 7.25 -9.69
CA SER A 60 0.27 5.95 -9.44
C SER A 60 1.39 5.08 -8.87
N GLY A 61 1.01 3.95 -8.29
CA GLY A 61 1.97 3.00 -7.76
C GLY A 61 2.69 3.51 -6.53
N LEU A 62 2.08 4.45 -5.84
CA LEU A 62 2.60 5.05 -4.61
C LEU A 62 2.00 4.32 -3.41
N ALA A 63 2.50 4.69 -2.23
CA ALA A 63 1.95 4.20 -0.98
C ALA A 63 1.65 5.39 -0.09
N GLY A 64 0.64 5.22 0.75
CA GLY A 64 0.30 6.14 1.81
C GLY A 64 0.58 5.55 3.18
N CYS A 65 0.82 6.44 4.14
CA CYS A 65 0.94 6.04 5.52
C CYS A 65 0.77 7.29 6.38
N VAL A 66 0.58 7.06 7.69
CA VAL A 66 0.36 8.15 8.63
C VAL A 66 1.37 8.00 9.77
N VAL A 67 1.97 9.11 10.16
CA VAL A 67 2.77 9.19 11.36
C VAL A 67 2.48 10.52 12.04
N GLY A 68 2.02 10.46 13.29
CA GLY A 68 1.79 11.63 14.11
C GLY A 68 0.82 12.59 13.46
N GLY A 69 -0.29 12.10 12.94
CA GLY A 69 -1.29 13.02 12.32
C GLY A 69 -0.81 13.76 11.07
N LEU A 70 0.30 13.34 10.44
CA LEU A 70 0.57 13.77 9.06
C LEU A 70 0.31 12.57 8.17
N LEU A 71 -0.18 12.84 6.96
CA LEU A 71 -0.31 11.84 5.93
C LEU A 71 0.86 12.00 4.96
N TYR A 72 1.46 10.88 4.63
CA TYR A 72 2.60 10.85 3.76
C TYR A 72 2.25 10.11 2.47
N ALA A 73 2.67 10.68 1.34
CA ALA A 73 2.60 9.99 0.05
C ALA A 73 4.03 9.67 -0.43
N VAL A 74 4.27 8.42 -0.75
CA VAL A 74 5.64 7.91 -0.86
C VAL A 74 5.82 7.24 -2.25
N GLY A 75 6.76 7.72 -3.03
CA GLY A 75 7.11 6.98 -4.24
C GLY A 75 6.04 7.09 -5.31
N GLY A 76 6.03 6.09 -6.19
CA GLY A 76 5.11 6.03 -7.36
C GLY A 76 5.80 6.38 -8.67
N ARG A 77 4.97 6.64 -9.68
CA ARG A 77 5.40 7.07 -11.00
C ARG A 77 4.34 8.03 -11.55
N ASN A 78 4.78 9.07 -12.22
CA ASN A 78 3.88 9.91 -12.97
C ASN A 78 3.83 9.37 -14.41
N ASN A 79 2.80 8.59 -14.71
CA ASN A 79 2.47 8.15 -16.08
C ASN A 79 1.63 9.25 -16.74
N SER A 80 2.24 10.07 -17.59
CA SER A 80 1.56 11.20 -18.17
C SER A 80 1.75 11.21 -19.69
N PRO A 81 0.84 11.87 -20.43
CA PRO A 81 1.05 12.04 -21.89
C PRO A 81 2.43 12.61 -22.22
N ASP A 82 2.97 13.48 -21.36
CA ASP A 82 4.24 14.13 -21.58
C ASP A 82 5.47 13.38 -21.02
N GLY A 83 5.31 12.15 -20.55
CA GLY A 83 6.46 11.32 -20.11
C GLY A 83 6.12 10.45 -18.90
N ASN A 84 6.98 9.49 -18.61
CA ASN A 84 6.81 8.64 -17.44
C ASN A 84 8.00 8.88 -16.50
N THR A 85 7.74 9.38 -15.29
CA THR A 85 8.81 9.65 -14.35
C THR A 85 8.55 8.93 -13.00
N ASP A 86 9.44 8.03 -12.65
CA ASP A 86 9.40 7.38 -11.35
C ASP A 86 9.75 8.39 -10.27
N SER A 87 9.09 8.24 -9.10
CA SER A 87 9.14 9.22 -8.03
C SER A 87 10.03 8.73 -6.88
N SER A 88 10.92 9.56 -6.43
CA SER A 88 11.60 9.34 -5.15
C SER A 88 10.97 10.24 -4.07
N ALA A 89 9.82 10.83 -4.35
CA ALA A 89 9.26 11.88 -3.50
C ALA A 89 8.62 11.30 -2.22
N LEU A 90 8.77 12.05 -1.15
CA LEU A 90 7.99 11.94 0.05
C LEU A 90 7.31 13.30 0.26
N ASP A 91 5.99 13.30 0.18
CA ASP A 91 5.21 14.47 0.39
C ASP A 91 4.35 14.34 1.63
N CYS A 92 4.28 15.46 2.34
CA CYS A 92 3.69 15.59 3.67
C CYS A 92 2.40 16.38 3.57
N TYR A 93 1.28 15.76 3.95
CA TYR A 93 -0.03 16.41 4.00
C TYR A 93 -0.45 16.60 5.45
N ASN A 94 -0.74 17.84 5.80
CA ASN A 94 -1.28 18.19 7.12
C ASN A 94 -2.79 18.41 7.04
N PRO A 95 -3.58 17.48 7.56
CA PRO A 95 -5.04 17.64 7.52
C PRO A 95 -5.57 18.92 8.18
N MET A 96 -4.83 19.49 9.09
CA MET A 96 -5.32 20.67 9.76
C MET A 96 -5.33 21.86 8.80
N THR A 97 -4.41 21.90 7.84
CA THR A 97 -4.28 23.04 6.93
C THR A 97 -4.68 22.68 5.50
N ASN A 98 -4.90 21.42 5.23
CA ASN A 98 -5.25 20.96 3.90
C ASN A 98 -4.17 21.41 2.90
N GLN A 99 -2.90 21.32 3.28
CA GLN A 99 -1.81 21.63 2.36
C GLN A 99 -0.77 20.50 2.34
N TRP A 100 -0.24 20.26 1.14
CA TRP A 100 0.89 19.38 0.89
C TRP A 100 2.19 20.16 0.97
N SER A 101 3.21 19.63 1.64
CA SER A 101 4.58 20.17 1.58
C SER A 101 5.53 19.06 1.15
N PRO A 102 6.57 19.41 0.39
CA PRO A 102 7.60 18.41 0.16
C PRO A 102 8.33 18.06 1.47
N CYS A 103 8.61 16.79 1.68
CA CYS A 103 9.52 16.35 2.72
C CYS A 103 10.75 15.76 2.01
N ALA A 104 11.70 15.15 2.73
CA ALA A 104 12.94 14.78 2.11
C ALA A 104 12.69 13.64 1.13
N SER A 105 13.34 13.72 -0.02
CA SER A 105 13.27 12.66 -1.05
C SER A 105 14.11 11.44 -0.64
N MET A 106 13.68 10.27 -1.10
CA MET A 106 14.36 9.00 -0.86
C MET A 106 15.63 8.95 -1.72
N SER A 107 16.45 7.93 -1.44
CA SER A 107 17.73 7.72 -2.10
C SER A 107 17.52 7.43 -3.60
N VAL A 108 16.38 6.87 -3.95
CA VAL A 108 16.14 6.37 -5.30
C VAL A 108 14.65 6.48 -5.60
N PRO A 109 14.30 6.58 -6.90
CA PRO A 109 12.89 6.41 -7.29
C PRO A 109 12.39 5.00 -6.99
N ARG A 110 11.15 4.91 -6.52
CA ARG A 110 10.54 3.66 -6.15
C ARG A 110 9.07 3.66 -6.60
N ASN A 111 8.84 3.12 -7.80
CA ASN A 111 7.52 2.92 -8.34
C ASN A 111 7.01 1.53 -7.89
N ARG A 112 5.71 1.44 -7.58
CA ARG A 112 5.07 0.19 -7.15
C ARG A 112 5.73 -0.27 -5.84
N ILE A 113 5.79 0.70 -4.93
CA ILE A 113 6.47 0.66 -3.65
C ILE A 113 5.53 0.05 -2.60
N GLY A 114 6.10 -0.47 -1.52
CA GLY A 114 5.35 -0.74 -0.31
C GLY A 114 5.99 -0.02 0.86
N VAL A 115 5.17 0.38 1.86
CA VAL A 115 5.62 1.14 2.99
CA VAL A 115 5.66 1.13 3.01
C VAL A 115 5.05 0.53 4.28
N GLY A 116 5.80 0.67 5.36
CA GLY A 116 5.32 0.34 6.71
C GLY A 116 5.90 1.31 7.73
N VAL A 117 5.16 1.52 8.81
CA VAL A 117 5.58 2.43 9.84
C VAL A 117 5.93 1.60 11.10
N ILE A 118 7.10 1.85 11.68
CA ILE A 118 7.44 1.25 12.99
C ILE A 118 8.03 2.32 13.88
N ASP A 119 7.46 2.48 15.07
CA ASP A 119 7.98 3.38 16.07
C ASP A 119 8.23 4.77 15.48
N GLY A 120 7.25 5.28 14.74
CA GLY A 120 7.28 6.66 14.23
C GLY A 120 8.20 6.83 13.02
N HIS A 121 8.73 5.74 12.48
CA HIS A 121 9.64 5.80 11.33
C HIS A 121 8.98 5.10 10.14
N ILE A 122 9.22 5.62 8.94
CA ILE A 122 8.65 5.05 7.73
C ILE A 122 9.67 4.18 7.01
N TYR A 123 9.32 2.95 6.68
CA TYR A 123 10.14 2.12 5.86
C TYR A 123 9.60 2.08 4.42
N ALA A 124 10.47 2.44 3.47
CA ALA A 124 10.15 2.38 2.05
C ALA A 124 10.82 1.12 1.48
N VAL A 125 10.03 0.26 0.87
CA VAL A 125 10.47 -1.07 0.53
C VAL A 125 10.36 -1.31 -0.98
N GLY A 126 11.46 -1.64 -1.63
CA GLY A 126 11.38 -2.19 -3.00
C GLY A 126 10.90 -1.15 -4.00
N GLY A 127 10.11 -1.60 -4.97
CA GLY A 127 9.63 -0.75 -6.07
C GLY A 127 10.65 -0.70 -7.21
N SER A 128 10.26 -0.09 -8.33
CA SER A 128 11.14 -0.04 -9.51
C SER A 128 11.61 1.39 -9.83
N HIS A 129 12.75 1.44 -10.51
CA HIS A 129 13.23 2.64 -11.20
C HIS A 129 13.55 2.21 -12.63
N GLY A 130 12.70 2.53 -13.59
CA GLY A 130 12.92 1.94 -14.93
C GLY A 130 12.97 0.42 -14.83
N CYS A 131 13.91 -0.24 -15.50
CA CYS A 131 13.99 -1.72 -15.41
C CYS A 131 14.72 -2.19 -14.14
N ILE A 132 15.16 -1.27 -13.28
CA ILE A 132 15.76 -1.66 -11.98
C ILE A 132 14.63 -2.04 -11.02
N HIS A 133 14.62 -3.32 -10.61
CA HIS A 133 13.73 -3.82 -9.56
C HIS A 133 14.50 -3.84 -8.24
N HIS A 134 14.09 -3.02 -7.29
CA HIS A 134 14.86 -2.80 -6.05
C HIS A 134 14.66 -3.94 -5.05
N SER A 135 15.76 -4.36 -4.44
CA SER A 135 15.76 -5.07 -3.15
C SER A 135 16.00 -4.10 -1.98
N SER A 136 16.44 -2.87 -2.26
CA SER A 136 16.86 -1.91 -1.25
C SER A 136 15.64 -1.45 -0.43
N VAL A 137 15.95 -1.00 0.78
CA VAL A 137 14.98 -0.54 1.77
C VAL A 137 15.60 0.64 2.49
N GLU A 138 14.79 1.67 2.75
CA GLU A 138 15.30 2.82 3.48
C GLU A 138 14.27 3.25 4.50
N ARG A 139 14.78 3.97 5.49
CA ARG A 139 13.97 4.34 6.64
C ARG A 139 13.99 5.87 6.84
N TYR A 140 12.81 6.46 6.99
CA TYR A 140 12.64 7.90 7.23
C TYR A 140 12.33 8.23 8.70
N GLU A 141 13.00 9.26 9.20
CA GLU A 141 12.84 9.83 10.54
C GLU A 141 12.23 11.23 10.47
N PRO A 142 10.92 11.35 10.71
CA PRO A 142 10.25 12.65 10.71
C PRO A 142 10.95 13.73 11.53
N GLU A 143 11.48 13.39 12.71
CA GLU A 143 12.10 14.36 13.61
C GLU A 143 13.32 15.02 12.94
N ARG A 144 13.99 14.31 12.03
CA ARG A 144 15.19 14.83 11.34
C ARG A 144 14.92 15.09 9.85
N ASP A 145 13.77 14.71 9.31
CA ASP A 145 13.48 14.81 7.86
C ASP A 145 14.64 14.25 7.01
N GLU A 146 15.00 13.00 7.28
CA GLU A 146 16.16 12.31 6.70
C GLU A 146 15.78 10.85 6.42
N TRP A 147 16.25 10.34 5.30
CA TRP A 147 16.18 8.93 4.97
C TRP A 147 17.57 8.30 5.15
N HIS A 148 17.60 7.04 5.61
CA HIS A 148 18.84 6.25 5.70
C HIS A 148 18.57 4.85 5.17
N LEU A 149 19.48 4.30 4.38
CA LEU A 149 19.29 2.93 3.88
C LEU A 149 19.49 1.95 5.03
N VAL A 150 18.78 0.85 4.97
CA VAL A 150 18.97 -0.25 5.92
C VAL A 150 19.32 -1.49 5.10
N ALA A 151 19.37 -2.66 5.71
CA ALA A 151 19.65 -3.88 4.99
C ALA A 151 18.62 -4.10 3.87
N PRO A 152 19.09 -4.55 2.70
CA PRO A 152 18.19 -4.87 1.61
C PRO A 152 17.49 -6.21 1.83
N MET A 153 16.32 -6.35 1.22
CA MET A 153 15.60 -7.61 1.20
C MET A 153 16.47 -8.66 0.52
N LEU A 154 16.10 -9.93 0.77
CA LEU A 154 16.74 -11.07 0.15
C LEU A 154 16.26 -11.22 -1.30
N THR A 155 15.15 -10.56 -1.65
CA THR A 155 14.54 -10.69 -2.97
C THR A 155 14.20 -9.31 -3.52
N ARG A 156 14.40 -9.13 -4.85
CA ARG A 156 13.93 -7.89 -5.46
C ARG A 156 12.40 -7.93 -5.51
N ARG A 157 11.72 -6.86 -5.12
CA ARG A 157 10.27 -6.89 -5.11
C ARG A 157 9.71 -5.52 -5.50
N ILE A 158 8.92 -5.52 -6.56
CA ILE A 158 8.06 -4.41 -6.91
C ILE A 158 6.64 -4.93 -6.83
N GLY A 159 5.70 -4.03 -6.67
CA GLY A 159 4.32 -4.43 -6.41
C GLY A 159 4.24 -5.24 -5.13
N VAL A 160 5.09 -4.85 -4.20
CA VAL A 160 5.32 -5.57 -2.95
C VAL A 160 4.29 -5.12 -1.92
N GLY A 161 3.67 -6.10 -1.24
CA GLY A 161 2.83 -5.74 -0.10
C GLY A 161 3.66 -5.65 1.17
N VAL A 162 3.39 -4.63 1.97
CA VAL A 162 4.14 -4.42 3.20
C VAL A 162 3.17 -4.24 4.38
N ALA A 163 3.45 -4.91 5.48
CA ALA A 163 2.67 -4.74 6.72
C ALA A 163 3.60 -4.76 7.92
N VAL A 164 3.12 -4.18 9.01
CA VAL A 164 3.82 -4.21 10.28
C VAL A 164 2.94 -4.90 11.33
N LEU A 165 3.53 -5.87 11.99
CA LEU A 165 2.89 -6.57 13.12
C LEU A 165 3.95 -6.77 14.19
N ASN A 166 3.61 -6.37 15.41
CA ASN A 166 4.45 -6.55 16.53
C ASN A 166 5.85 -5.94 16.31
N ARG A 167 5.88 -4.77 15.68
CA ARG A 167 7.12 -4.01 15.42
C ARG A 167 8.13 -4.81 14.58
N LEU A 168 7.61 -5.69 13.74
CA LEU A 168 8.38 -6.34 12.71
C LEU A 168 7.76 -5.96 11.35
N LEU A 169 8.62 -5.88 10.33
CA LEU A 169 8.21 -5.42 8.99
C LEU A 169 8.16 -6.61 8.03
N TYR A 170 7.07 -6.77 7.30
CA TYR A 170 6.90 -7.88 6.38
C TYR A 170 6.78 -7.34 4.95
N ALA A 171 7.47 -8.04 4.04
CA ALA A 171 7.43 -7.75 2.60
C ALA A 171 6.87 -9.02 1.95
N VAL A 172 5.80 -8.85 1.20
CA VAL A 172 4.97 -9.96 0.78
C VAL A 172 4.73 -9.91 -0.73
N GLY A 173 5.14 -10.97 -1.41
CA GLY A 173 4.89 -11.13 -2.82
C GLY A 173 5.62 -10.09 -3.66
N GLY A 174 4.99 -9.74 -4.80
CA GLY A 174 5.51 -8.78 -5.75
C GLY A 174 6.08 -9.46 -6.99
N PHE A 175 6.93 -8.71 -7.68
CA PHE A 175 7.54 -9.12 -8.95
C PHE A 175 9.05 -8.83 -8.87
N ASP A 176 9.88 -9.80 -9.18
CA ASP A 176 11.35 -9.63 -9.04
C ASP A 176 12.10 -9.18 -10.30
N GLY A 177 11.34 -8.84 -11.34
CA GLY A 177 11.88 -8.49 -12.67
C GLY A 177 11.71 -9.63 -13.65
N THR A 178 11.50 -10.84 -13.15
CA THR A 178 11.33 -12.04 -13.99
C THR A 178 10.03 -12.79 -13.61
N ASN A 179 9.84 -13.09 -12.32
CA ASN A 179 8.71 -13.89 -11.83
C ASN A 179 7.85 -13.10 -10.85
N ARG A 180 6.53 -13.32 -10.88
CA ARG A 180 5.69 -12.88 -9.77
C ARG A 180 5.90 -13.88 -8.62
N LEU A 181 5.70 -13.44 -7.39
CA LEU A 181 6.22 -14.17 -6.21
C LEU A 181 5.09 -14.55 -5.24
N ASN A 182 5.20 -15.77 -4.68
CA ASN A 182 4.42 -16.16 -3.48
C ASN A 182 5.26 -15.99 -2.21
N SER A 183 6.57 -15.76 -2.37
CA SER A 183 7.49 -15.65 -1.24
C SER A 183 7.20 -14.40 -0.40
N ALA A 184 7.67 -14.47 0.84
CA ALA A 184 7.57 -13.34 1.72
C ALA A 184 8.74 -13.40 2.70
N GLU A 185 9.05 -12.24 3.28
CA GLU A 185 10.16 -12.14 4.22
C GLU A 185 9.89 -11.06 5.26
N CYS A 186 10.66 -11.14 6.35
CA CYS A 186 10.43 -10.34 7.56
C CYS A 186 11.75 -9.65 7.96
N TYR A 187 11.65 -8.37 8.32
CA TYR A 187 12.78 -7.53 8.75
C TYR A 187 12.70 -7.33 10.27
N TYR A 188 13.81 -7.68 10.94
CA TYR A 188 14.05 -7.57 12.39
C TYR A 188 14.92 -6.32 12.61
N PRO A 189 14.30 -5.19 12.97
CA PRO A 189 15.04 -3.93 13.06
C PRO A 189 16.26 -4.01 13.98
N GLU A 190 16.16 -4.62 15.15
CA GLU A 190 17.29 -4.61 16.07
C GLU A 190 18.45 -5.47 15.53
N ARG A 191 18.22 -6.32 14.55
CA ARG A 191 19.31 -7.13 13.93
C ARG A 191 19.68 -6.61 12.54
N ASN A 192 18.91 -5.63 12.07
CA ASN A 192 19.02 -5.12 10.71
C ASN A 192 19.18 -6.29 9.72
N GLU A 193 18.23 -7.22 9.77
CA GLU A 193 18.35 -8.47 9.05
C GLU A 193 16.98 -8.88 8.52
N TRP A 194 16.96 -9.37 7.27
CA TRP A 194 15.81 -9.98 6.62
C TRP A 194 15.88 -11.49 6.68
N ARG A 195 14.73 -12.13 6.93
CA ARG A 195 14.64 -13.61 6.82
C ARG A 195 13.36 -13.99 6.11
N MET A 196 13.44 -15.05 5.31
CA MET A 196 12.25 -15.59 4.65
C MET A 196 11.26 -16.09 5.73
N ILE A 197 9.97 -15.91 5.48
CA ILE A 197 8.90 -16.62 6.19
C ILE A 197 8.24 -17.62 5.24
N THR A 198 7.30 -18.41 5.75
CA THR A 198 6.46 -19.32 4.97
C THR A 198 5.92 -18.56 3.74
N PRO A 199 6.09 -19.12 2.53
CA PRO A 199 5.49 -18.45 1.36
C PRO A 199 3.96 -18.54 1.38
N MET A 200 3.30 -17.58 0.74
CA MET A 200 1.84 -17.67 0.49
C MET A 200 1.51 -18.93 -0.31
N ASN A 201 0.23 -19.27 -0.30
CA ASN A 201 -0.30 -20.34 -1.10
C ASN A 201 -0.49 -19.84 -2.54
N THR A 202 -0.49 -18.52 -2.75
CA THR A 202 -0.85 -17.93 -4.05
C THR A 202 0.24 -16.96 -4.47
N ILE A 203 0.65 -17.02 -5.75
CA ILE A 203 1.53 -15.98 -6.29
C ILE A 203 0.74 -14.67 -6.35
N ARG A 204 1.26 -13.58 -5.77
CA ARG A 204 0.55 -12.32 -5.83
C ARG A 204 1.52 -11.14 -6.01
N SER A 205 1.31 -10.42 -7.12
CA SER A 205 1.92 -9.13 -7.33
C SER A 205 0.84 -8.04 -7.30
N GLY A 206 1.10 -6.95 -6.60
CA GLY A 206 0.14 -5.86 -6.48
C GLY A 206 -1.08 -6.28 -5.68
N ALA A 207 -0.82 -7.07 -4.66
CA ALA A 207 -1.88 -7.42 -3.71
C ALA A 207 -2.06 -6.26 -2.75
N GLY A 208 -3.16 -6.25 -2.02
CA GLY A 208 -3.32 -5.40 -0.86
C GLY A 208 -2.87 -6.13 0.40
N VAL A 209 -1.93 -5.57 1.15
CA VAL A 209 -1.43 -6.29 2.32
C VAL A 209 -1.59 -5.38 3.56
N CYS A 210 -2.12 -5.95 4.63
CA CYS A 210 -2.36 -5.21 5.86
C CYS A 210 -2.39 -6.19 7.05
N VAL A 211 -2.56 -5.64 8.24
CA VAL A 211 -2.59 -6.39 9.44
C VAL A 211 -3.89 -6.18 10.17
N LEU A 212 -4.41 -7.28 10.72
CA LEU A 212 -5.60 -7.24 11.54
C LEU A 212 -5.45 -8.35 12.59
N HIS A 213 -5.56 -7.93 13.85
CA HIS A 213 -5.35 -8.83 14.98
C HIS A 213 -3.94 -9.43 14.86
N ASN A 214 -3.78 -10.73 14.93
CA ASN A 214 -2.42 -11.28 14.93
C ASN A 214 -2.04 -11.78 13.53
N CYS A 215 -2.68 -11.25 12.48
CA CYS A 215 -2.55 -11.86 11.16
C CYS A 215 -2.18 -10.81 10.11
N ILE A 216 -1.31 -11.22 9.19
CA ILE A 216 -1.06 -10.44 7.97
C ILE A 216 -1.99 -10.93 6.86
N TYR A 217 -2.81 -10.04 6.31
CA TYR A 217 -3.68 -10.38 5.20
C TYR A 217 -3.04 -9.93 3.87
N ALA A 218 -3.20 -10.80 2.88
CA ALA A 218 -2.86 -10.55 1.50
C ALA A 218 -4.12 -10.78 0.66
N ALA A 219 -4.64 -9.71 0.07
CA ALA A 219 -5.90 -9.76 -0.66
C ALA A 219 -5.63 -9.44 -2.12
N GLY A 220 -6.10 -10.29 -3.00
CA GLY A 220 -6.06 -9.93 -4.42
C GLY A 220 -4.65 -10.01 -5.00
N GLY A 221 -4.40 -9.21 -6.03
CA GLY A 221 -3.10 -9.21 -6.67
C GLY A 221 -3.20 -9.77 -8.08
N TYR A 222 -2.05 -9.89 -8.72
CA TYR A 222 -1.87 -10.39 -10.07
C TYR A 222 -0.86 -11.55 -10.01
N ASP A 223 -1.13 -12.63 -10.72
CA ASP A 223 -0.24 -13.79 -10.73
C ASP A 223 0.50 -13.96 -12.06
N GLY A 224 0.49 -12.93 -12.90
CA GLY A 224 1.07 -13.01 -14.22
C GLY A 224 0.07 -13.45 -15.27
N GLN A 225 -1.14 -13.85 -14.87
CA GLN A 225 -2.17 -14.22 -15.84
C GLN A 225 -3.53 -13.60 -15.47
N ASP A 226 -3.91 -13.67 -14.20
CA ASP A 226 -5.23 -13.25 -13.78
C ASP A 226 -5.13 -12.31 -12.60
N GLN A 227 -6.12 -11.44 -12.49
CA GLN A 227 -6.34 -10.66 -11.28
C GLN A 227 -7.12 -11.56 -10.33
N LEU A 228 -6.84 -11.43 -9.04
CA LEU A 228 -7.28 -12.41 -8.04
C LEU A 228 -8.36 -11.83 -7.12
N ASN A 229 -9.32 -12.66 -6.71
CA ASN A 229 -10.27 -12.28 -5.64
C ASN A 229 -9.88 -12.98 -4.32
N SER A 230 -8.92 -13.89 -4.34
CA SER A 230 -8.65 -14.71 -3.15
C SER A 230 -7.94 -13.85 -2.08
N VAL A 231 -8.14 -14.26 -0.85
CA VAL A 231 -7.57 -13.58 0.29
C VAL A 231 -6.99 -14.63 1.25
N GLU A 232 -5.78 -14.41 1.71
CA GLU A 232 -5.20 -15.35 2.69
C GLU A 232 -4.46 -14.59 3.77
N ARG A 233 -4.27 -15.25 4.89
CA ARG A 233 -3.71 -14.55 6.05
C ARG A 233 -2.70 -15.44 6.78
N TYR A 234 -1.66 -14.76 7.25
CA TYR A 234 -0.52 -15.38 7.90
C TYR A 234 -0.59 -15.12 9.42
N ASP A 235 -0.55 -16.19 10.15
CA ASP A 235 -0.61 -16.12 11.59
C ASP A 235 0.83 -16.24 12.05
N VAL A 236 1.31 -15.17 12.68
CA VAL A 236 2.73 -15.13 13.06
CA VAL A 236 2.73 -15.13 13.06
C VAL A 236 3.03 -16.24 14.06
N GLU A 237 2.07 -16.63 14.89
CA GLU A 237 2.33 -17.67 15.89
C GLU A 237 2.45 -19.04 15.22
N THR A 238 1.60 -19.35 14.23
CA THR A 238 1.56 -20.69 13.62
C THR A 238 2.44 -20.78 12.36
N GLU A 239 2.79 -19.63 11.78
CA GLU A 239 3.60 -19.54 10.58
C GLU A 239 2.89 -20.20 9.38
N THR A 240 1.57 -20.17 9.38
CA THR A 240 0.82 -20.74 8.29
C THR A 240 -0.02 -19.65 7.63
N TRP A 241 -0.24 -19.81 6.32
CA TRP A 241 -1.18 -19.01 5.55
C TRP A 241 -2.49 -19.78 5.39
N THR A 242 -3.61 -19.13 5.64
CA THR A 242 -4.92 -19.74 5.50
C THR A 242 -5.81 -18.84 4.62
N PHE A 243 -6.56 -19.41 3.66
CA PHE A 243 -7.52 -18.61 2.89
C PHE A 243 -8.71 -18.26 3.78
N VAL A 244 -9.22 -17.06 3.60
CA VAL A 244 -10.51 -16.69 4.14
C VAL A 244 -11.46 -16.49 2.95
N ALA A 245 -12.62 -15.89 3.16
CA ALA A 245 -13.57 -15.68 2.09
C ALA A 245 -12.95 -14.77 1.01
N PRO A 246 -13.21 -15.05 -0.28
CA PRO A 246 -12.70 -14.18 -1.34
C PRO A 246 -13.48 -12.85 -1.40
N MET A 247 -12.86 -11.83 -1.95
CA MET A 247 -13.50 -10.53 -2.18
C MET A 247 -14.58 -10.73 -3.24
N ARG A 248 -15.53 -9.79 -3.28
CA ARG A 248 -16.61 -9.77 -4.29
C ARG A 248 -16.02 -9.50 -5.70
N HIS A 249 -14.91 -8.79 -5.78
CA HIS A 249 -14.29 -8.49 -7.08
C HIS A 249 -12.85 -9.00 -7.13
N HIS A 250 -12.47 -9.55 -8.27
CA HIS A 250 -11.06 -9.75 -8.58
C HIS A 250 -10.41 -8.36 -8.64
N ARG A 251 -9.20 -8.20 -8.09
CA ARG A 251 -8.54 -6.88 -8.08
C ARG A 251 -7.03 -7.05 -7.98
N SER A 252 -6.29 -6.36 -8.85
CA SER A 252 -4.87 -6.08 -8.64
C SER A 252 -4.68 -4.58 -8.44
N ALA A 253 -3.55 -4.22 -7.85
CA ALA A 253 -3.20 -2.82 -7.54
C ALA A 253 -4.33 -2.11 -6.77
N LEU A 254 -4.84 -2.81 -5.75
CA LEU A 254 -5.86 -2.24 -4.88
C LEU A 254 -5.18 -1.45 -3.78
N GLY A 255 -5.92 -0.50 -3.24
CA GLY A 255 -5.54 0.11 -1.98
C GLY A 255 -6.15 -0.70 -0.86
N ILE A 256 -5.53 -0.69 0.32
CA ILE A 256 -6.06 -1.42 1.46
C ILE A 256 -5.73 -0.66 2.72
N THR A 257 -6.63 -0.74 3.69
CA THR A 257 -6.36 -0.20 5.03
C THR A 257 -7.27 -0.91 6.04
N VAL A 258 -7.01 -0.62 7.31
CA VAL A 258 -7.80 -1.14 8.40
C VAL A 258 -8.38 0.08 9.09
N HIS A 259 -9.67 0.04 9.35
CA HIS A 259 -10.38 1.06 10.09
C HIS A 259 -11.35 0.31 11.01
N GLN A 260 -11.13 0.44 12.33
CA GLN A 260 -11.93 -0.15 13.42
C GLN A 260 -12.13 -1.65 13.23
N GLY A 261 -11.04 -2.41 13.06
CA GLY A 261 -11.16 -3.89 13.11
C GLY A 261 -11.78 -4.49 11.84
N LYS A 262 -11.86 -3.67 10.79
CA LYS A 262 -12.34 -4.08 9.48
C LYS A 262 -11.29 -3.66 8.45
N ILE A 263 -11.05 -4.55 7.48
CA ILE A 263 -10.26 -4.28 6.33
C ILE A 263 -11.16 -3.61 5.29
N TYR A 264 -10.61 -2.59 4.65
CA TYR A 264 -11.27 -1.95 3.51
C TYR A 264 -10.33 -2.04 2.31
N VAL A 265 -10.88 -2.43 1.17
CA VAL A 265 -10.14 -2.46 -0.08
C VAL A 265 -10.80 -1.47 -1.04
N LEU A 266 -9.95 -0.76 -1.76
CA LEU A 266 -10.34 0.37 -2.57
C LEU A 266 -9.80 0.21 -4.00
N GLY A 267 -10.71 0.11 -4.95
CA GLY A 267 -10.33 0.19 -6.33
C GLY A 267 -9.55 -1.01 -6.80
N GLY A 268 -8.72 -0.74 -7.84
CA GLY A 268 -7.87 -1.71 -8.46
C GLY A 268 -8.36 -2.07 -9.85
N TYR A 269 -7.74 -3.09 -10.45
CA TYR A 269 -7.98 -3.48 -11.82
C TYR A 269 -8.47 -4.93 -11.84
N ASP A 270 -9.59 -5.20 -12.52
CA ASP A 270 -10.15 -6.55 -12.58
C ASP A 270 -9.98 -7.25 -13.90
N GLY A 271 -9.08 -6.77 -14.76
CA GLY A 271 -8.93 -7.32 -16.13
C GLY A 271 -9.83 -6.63 -17.16
N HIS A 272 -10.71 -5.73 -16.73
CA HIS A 272 -11.73 -5.13 -17.63
C HIS A 272 -11.99 -3.65 -17.32
N THR A 273 -12.13 -3.35 -16.04
CA THR A 273 -12.54 -2.07 -15.51
C THR A 273 -11.51 -1.65 -14.44
N PHE A 274 -11.22 -0.36 -14.37
CA PHE A 274 -10.62 0.26 -13.18
C PHE A 274 -11.76 0.53 -12.20
N LEU A 275 -11.78 -0.22 -11.09
CA LEU A 275 -12.96 -0.34 -10.21
C LEU A 275 -13.14 0.92 -9.36
N ASP A 276 -14.39 1.34 -9.18
CA ASP A 276 -14.70 2.28 -8.13
C ASP A 276 -15.13 1.56 -6.86
N SER A 277 -15.24 0.24 -6.91
CA SER A 277 -15.82 -0.53 -5.79
C SER A 277 -14.92 -0.40 -4.55
N VAL A 278 -15.55 -0.16 -3.39
CA VAL A 278 -14.91 -0.29 -2.09
C VAL A 278 -15.65 -1.38 -1.31
N GLU A 279 -14.91 -2.40 -0.87
CA GLU A 279 -15.43 -3.53 -0.11
C GLU A 279 -14.84 -3.56 1.31
N CYS A 280 -15.59 -4.08 2.28
CA CYS A 280 -14.96 -4.30 3.58
C CYS A 280 -15.22 -5.72 4.07
N TYR A 281 -14.24 -6.18 4.85
CA TYR A 281 -14.19 -7.53 5.37
C TYR A 281 -14.47 -7.53 6.88
N ASP A 282 -15.44 -8.34 7.28
CA ASP A 282 -15.76 -8.55 8.67
C ASP A 282 -15.17 -9.92 9.06
N PRO A 283 -14.09 -9.91 9.84
CA PRO A 283 -13.46 -11.18 10.19
C PRO A 283 -14.34 -12.07 11.07
N ASP A 284 -15.24 -11.50 11.88
CA ASP A 284 -16.12 -12.32 12.73
C ASP A 284 -17.11 -13.17 11.92
N SER A 285 -17.61 -12.66 10.80
CA SER A 285 -18.56 -13.38 9.93
C SER A 285 -17.84 -13.99 8.70
N ASP A 286 -16.58 -13.64 8.51
CA ASP A 286 -15.83 -14.03 7.31
C ASP A 286 -16.62 -13.68 6.06
N THR A 287 -17.01 -12.40 5.94
CA THR A 287 -17.76 -11.95 4.77
C THR A 287 -17.24 -10.59 4.31
N TRP A 288 -17.30 -10.42 3.00
CA TRP A 288 -16.99 -9.16 2.33
C TRP A 288 -18.30 -8.49 1.94
N SER A 289 -18.38 -7.17 2.13
CA SER A 289 -19.57 -6.42 1.78
C SER A 289 -19.16 -5.20 0.98
N GLU A 290 -19.97 -4.79 0.00
CA GLU A 290 -19.75 -3.50 -0.68
C GLU A 290 -20.10 -2.39 0.33
N VAL A 291 -19.31 -1.34 0.37
CA VAL A 291 -19.48 -0.33 1.41
C VAL A 291 -19.82 1.03 0.78
N THR A 292 -19.18 1.35 -0.33
CA THR A 292 -19.27 2.65 -1.00
C THR A 292 -18.60 2.52 -2.38
N ARG A 293 -18.67 3.58 -3.14
CA ARG A 293 -17.93 3.67 -4.40
C ARG A 293 -17.08 4.92 -4.30
N MET A 294 -15.85 4.80 -4.75
CA MET A 294 -15.03 5.95 -4.95
C MET A 294 -15.70 6.83 -6.00
N THR A 295 -15.35 8.11 -5.99
CA THR A 295 -15.99 9.05 -6.88
C THR A 295 -15.66 8.71 -8.35
N SER A 296 -14.58 8.00 -8.59
CA SER A 296 -14.29 7.54 -9.95
C SER A 296 -13.40 6.30 -9.88
N GLY A 297 -13.52 5.42 -10.86
CA GLY A 297 -12.73 4.18 -10.86
C GLY A 297 -11.24 4.46 -11.05
N ARG A 298 -10.41 3.71 -10.34
CA ARG A 298 -8.94 3.92 -10.36
C ARG A 298 -8.25 2.72 -9.73
N SER A 299 -6.96 2.58 -10.03
CA SER A 299 -6.05 1.57 -9.44
C SER A 299 -4.72 2.23 -9.06
N GLY A 300 -3.88 1.47 -8.33
CA GLY A 300 -2.56 1.91 -7.90
C GLY A 300 -2.59 3.11 -6.99
N VAL A 301 -3.62 3.19 -6.14
CA VAL A 301 -3.72 4.28 -5.18
C VAL A 301 -2.88 3.96 -3.92
N GLY A 302 -2.61 5.03 -3.20
CA GLY A 302 -2.07 4.97 -1.84
C GLY A 302 -3.19 5.25 -0.82
N VAL A 303 -3.18 4.56 0.30
CA VAL A 303 -4.32 4.66 1.25
C VAL A 303 -3.79 4.74 2.68
N ALA A 304 -4.39 5.57 3.50
CA ALA A 304 -4.11 5.55 4.93
C ALA A 304 -5.25 6.19 5.74
N VAL A 305 -5.17 6.06 7.06
CA VAL A 305 -6.24 6.51 7.96
C VAL A 305 -5.67 7.52 8.95
N THR A 306 -6.35 8.66 9.10
CA THR A 306 -6.00 9.65 10.12
C THR A 306 -7.25 10.50 10.41
N MET A 307 -7.06 11.49 11.29
CA MET A 307 -8.11 12.47 11.70
C MET A 307 -8.72 13.16 10.48
N GLU A 308 -9.96 13.58 10.64
CA GLU A 308 -10.64 14.39 9.62
C GLU A 308 -10.00 15.78 9.59
N PRO A 309 -9.94 16.39 8.39
CA PRO A 309 -9.20 17.65 8.24
C PRO A 309 -9.95 18.84 8.85
N CYS A 310 -9.19 19.90 9.15
CA CYS A 310 -9.68 21.18 9.70
C CYS A 310 -10.63 20.92 10.87
S SO4 B . 18.73 -1.97 -5.85
O1 SO4 B . 19.72 -2.96 -6.38
O2 SO4 B . 17.90 -1.55 -7.00
O3 SO4 B . 17.92 -2.59 -4.74
O4 SO4 B . 19.39 -0.72 -5.37
CL CL C . 3.65 1.64 -13.63
C1 J6K D . 2.15 -6.41 -16.48
C3 J6K D . 0.49 -6.23 -14.76
C5 J6K D . 1.02 -5.86 -12.42
C6 J6K D . -0.34 -5.99 -12.13
C7 J6K D . -1.28 -6.23 -13.15
C11 J6K D . -2.19 -6.81 -16.58
C12 J6K D . -0.87 -6.36 -14.43
C13 J6K D . 1.99 -5.59 -11.27
C14 J6K D . 3.46 -5.68 -11.68
C15 J6K D . 3.86 -7.06 -12.21
O17 J6K D . 3.51 -8.10 -11.61
C19 J6K D . 1.70 -4.22 -9.19
C21 J6K D . 1.07 -1.89 -9.23
C22 J6K D . 0.75 -0.65 -8.44
C23 J6K D . 1.03 -1.93 -10.62
C24 J6K D . 0.66 -0.69 -11.42
C26 J6K D . -1.58 -1.52 -12.04
C31 J6K D . -2.13 0.96 -14.22
C35 J6K D . 0.07 1.84 -13.81
C36 J6K D . 1.33 -3.12 -11.28
O2 J6K D . 0.78 -6.37 -16.09
C4 J6K D . 1.42 -5.99 -13.75
N8 J6K D . -2.63 -6.40 -13.09
N9 J6K D . -3.08 -6.61 -14.31
N10 J6K D . -2.01 -6.59 -15.15
O16 J6K D . 4.55 -7.05 -13.25
C18 J6K D . 1.66 -4.27 -10.58
C20 J6K D . 1.40 -3.04 -8.53
N25 J6K D . -0.79 -0.46 -11.41
S27 J6K D . -1.33 1.06 -11.60
O28 J6K D . -2.73 1.06 -11.32
O29 J6K D . -0.45 1.93 -10.88
C30 J6K D . -1.11 1.30 -13.33
C32 J6K D . -1.96 1.15 -15.57
C33 J6K D . -0.77 1.69 -16.05
C34 J6K D . 0.25 2.04 -15.17
H40 J6K D . 2.33 -7.23 -16.99
H38 J6K D . 2.72 -6.38 -15.70
H39 J6K D . 2.35 -5.63 -17.05
H42 J6K D . -0.64 -5.91 -11.22
H43 J6K D . -1.34 -6.76 -17.02
H44 J6K D . -2.78 -6.11 -16.93
H45 J6K D . -2.60 -7.69 -16.72
H37 J6K D . 1.84 -6.30 -10.62
H47 J6K D . 3.64 -5.01 -12.38
H46 J6K D . 4.02 -5.47 -10.91
H48 J6K D . 1.93 -5.00 -8.69
H50 J6K D . 0.48 0.06 -9.06
H51 J6K D . 1.54 -0.36 -7.96
H52 J6K D . 0.03 -0.82 -7.81
H53 J6K D . 0.97 -0.80 -12.35
H54 J6K D . 1.12 0.08 -11.03
H56 J6K D . -1.77 -2.22 -11.37
H57 J6K D . -1.09 -1.91 -12.77
H55 J6K D . -2.42 -1.16 -12.37
H58 J6K D . -2.94 0.59 -13.88
H62 J6K D . 0.77 2.08 -13.20
H63 J6K D . 1.30 -3.15 -12.23
H41 J6K D . 2.34 -5.90 -13.97
H49 J6K D . 1.43 -3.02 -7.57
H59 J6K D . -2.65 0.91 -16.18
H60 J6K D . -0.65 1.82 -16.99
H61 J6K D . 1.06 2.40 -15.50
#